data_4F3N
#
_entry.id   4F3N
#
_cell.length_a   49.860
_cell.length_b   50.130
_cell.length_c   142.940
_cell.angle_alpha   90.000
_cell.angle_beta   90.000
_cell.angle_gamma   90.000
#
_symmetry.space_group_name_H-M   'P 21 21 21'
#
loop_
_entity.id
_entity.type
_entity.pdbx_description
1 polymer 'Uncharacterized ACR, COG1565 superfamily'
2 non-polymer 'SULFATE ION'
3 non-polymer 1,2-ETHANEDIOL
4 water water
#
_entity_poly.entity_id   1
_entity_poly.type   'polypeptide(L)'
_entity_poly.pdbx_seq_one_letter_code
;MAHHHHHHMGTLEAQTQGPGSMVSQVSAGTVIYNAGMNPKAHEPASLPVPGPDALAQSEALAASLRAEIASAGGWIPFSR
YMERVLYAPGMGYYSGGAQKFGRRADDGSDFVTAPELSPLFAQTLARPVAQALDASGTRRVMEFGAGTGKLAAGLLTALA
ALGVELDEYAIVDLSGELRARQRETLGAQAPGLAARVRWLDALPERFEGVVVGNEVLDAMPVRLVAKQARGWCERGVSID
DAGAFVFADRPFARAEEAARLAGIDADEGYVTETHDAAVAFVRTVCAMLARGAAFFIDYGFPSHEYYHRQRAQGTLMCHY
RHRAHGDPFVYPGLQDITAHVEFSAIHEAGVGAGADLLGYTSQARFLLNAGITDVLAEIDPSDAQHFLPAANAVQKLISE
AEMGELFKVIAFSRGIDGALDAFARGDRSHTL
;
_entity_poly.pdbx_strand_id   A
#
loop_
_chem_comp.id
_chem_comp.type
_chem_comp.name
_chem_comp.formula
EDO non-polymer 1,2-ETHANEDIOL 'C2 H6 O2'
SO4 non-polymer 'SULFATE ION' 'O4 S -2'
#
# COMPACT_ATOMS: atom_id res chain seq x y z
N SER A 46 15.09 -23.44 1.79
CA SER A 46 15.13 -23.68 3.28
C SER A 46 14.60 -22.49 4.04
N LEU A 47 14.30 -22.70 5.31
CA LEU A 47 13.65 -21.68 6.07
C LEU A 47 14.46 -21.46 7.34
N PRO A 48 15.21 -20.34 7.41
CA PRO A 48 16.03 -20.05 8.60
C PRO A 48 15.18 -19.92 9.86
N VAL A 49 15.72 -20.41 10.96
CA VAL A 49 15.07 -20.34 12.23
C VAL A 49 15.45 -19.04 12.91
N PRO A 50 14.47 -18.26 13.40
CA PRO A 50 14.83 -16.99 14.09
C PRO A 50 15.56 -17.22 15.40
N GLY A 51 16.20 -16.16 15.88
CA GLY A 51 16.81 -16.14 17.20
C GLY A 51 15.82 -16.36 18.34
N PRO A 52 16.34 -16.69 19.54
CA PRO A 52 15.46 -17.01 20.66
C PRO A 52 14.41 -15.94 20.95
N ASP A 53 14.78 -14.67 20.91
CA ASP A 53 13.86 -13.61 21.34
C ASP A 53 12.73 -13.41 20.31
N ALA A 54 13.09 -13.37 19.03
CA ALA A 54 12.11 -13.32 17.93
C ALA A 54 11.21 -14.56 17.92
N LEU A 55 11.79 -15.73 18.12
CA LEU A 55 10.99 -16.94 18.16
C LEU A 55 9.96 -16.89 19.30
N ALA A 56 10.38 -16.44 20.48
CA ALA A 56 9.46 -16.34 21.62
C ALA A 56 8.30 -15.41 21.30
N GLN A 57 8.61 -14.29 20.67
CA GLN A 57 7.60 -13.34 20.23
C GLN A 57 6.60 -13.96 19.24
N SER A 58 7.15 -14.60 18.21
CA SER A 58 6.31 -15.25 17.20
C SER A 58 5.46 -16.35 17.83
N GLU A 59 6.05 -17.15 18.72
CA GLU A 59 5.27 -18.20 19.40
C GLU A 59 4.13 -17.65 20.26
N ALA A 60 4.35 -16.52 20.95
CA ALA A 60 3.31 -15.91 21.78
C ALA A 60 2.18 -15.43 20.87
N LEU A 61 2.57 -14.79 19.77
CA LEU A 61 1.58 -14.26 18.83
C LEU A 61 0.78 -15.40 18.28
N ALA A 62 1.46 -16.46 17.84
CA ALA A 62 0.82 -17.66 17.30
C ALA A 62 -0.14 -18.30 18.32
N ALA A 63 0.30 -18.45 19.58
CA ALA A 63 -0.58 -19.03 20.62
C ALA A 63 -1.84 -18.18 20.83
N SER A 64 -1.70 -16.85 20.80
CA SER A 64 -2.84 -15.98 20.94
C SER A 64 -3.82 -16.15 19.80
N LEU A 65 -3.30 -16.34 18.59
CA LEU A 65 -4.18 -16.59 17.44
C LEU A 65 -4.84 -17.96 17.49
N ARG A 66 -4.12 -19.00 17.87
CA ARG A 66 -4.71 -20.31 18.03
C ARG A 66 -5.85 -20.29 19.09
N ALA A 67 -5.60 -19.55 20.16
CA ALA A 67 -6.62 -19.44 21.21
C ALA A 67 -7.86 -18.69 20.72
N GLU A 68 -7.66 -17.64 19.95
CA GLU A 68 -8.77 -16.92 19.37
C GLU A 68 -9.57 -17.78 18.41
N ILE A 69 -8.86 -18.51 17.54
CA ILE A 69 -9.54 -19.40 16.61
C ILE A 69 -10.38 -20.47 17.32
N ALA A 70 -9.82 -21.08 18.36
CA ALA A 70 -10.57 -22.08 19.12
C ALA A 70 -11.76 -21.45 19.79
N SER A 71 -11.60 -20.26 20.32
CA SER A 71 -12.72 -19.60 21.00
C SER A 71 -13.85 -19.26 20.05
N ALA A 72 -13.52 -18.96 18.80
CA ALA A 72 -14.52 -18.63 17.76
C ALA A 72 -15.20 -19.83 17.11
N GLY A 73 -14.94 -21.04 17.55
CA GLY A 73 -15.55 -22.24 16.98
C GLY A 73 -14.72 -22.94 15.92
N GLY A 74 -13.45 -22.51 15.78
CA GLY A 74 -12.47 -23.22 14.98
C GLY A 74 -12.12 -22.53 13.68
N TRP A 75 -12.63 -21.33 13.45
CA TRP A 75 -12.42 -20.64 12.16
C TRP A 75 -12.53 -19.15 12.29
N ILE A 76 -11.58 -18.46 11.67
CA ILE A 76 -11.65 -17.00 11.53
C ILE A 76 -11.38 -16.58 10.08
N PRO A 77 -11.94 -15.45 9.67
CA PRO A 77 -11.59 -15.01 8.31
C PRO A 77 -10.09 -14.68 8.18
N PHE A 78 -9.54 -14.73 6.96
CA PHE A 78 -8.13 -14.45 6.78
C PHE A 78 -7.79 -13.00 7.14
N SER A 79 -8.76 -12.11 6.92
CA SER A 79 -8.56 -10.67 7.28
C SER A 79 -8.17 -10.52 8.74
N ARG A 80 -8.80 -11.32 9.59
CA ARG A 80 -8.59 -11.21 11.03
C ARG A 80 -7.18 -11.74 11.38
N TYR A 81 -6.85 -12.89 10.80
CA TYR A 81 -5.52 -13.45 10.92
C TYR A 81 -4.46 -12.43 10.50
N MET A 82 -4.65 -11.88 9.30
CA MET A 82 -3.68 -10.96 8.76
C MET A 82 -3.61 -9.69 9.61
N GLU A 83 -4.76 -9.23 10.07
CA GLU A 83 -4.76 -8.02 10.94
C GLU A 83 -3.90 -8.25 12.16
N ARG A 84 -4.06 -9.40 12.80
CA ARG A 84 -3.35 -9.65 14.03
C ARG A 84 -1.84 -9.89 13.84
N VAL A 85 -1.45 -10.68 12.84
CA VAL A 85 -0.02 -10.99 12.67
C VAL A 85 0.76 -9.77 12.20
N LEU A 86 0.08 -8.85 11.51
CA LEU A 86 0.74 -7.65 11.03
C LEU A 86 0.69 -6.51 12.06
N TYR A 87 -0.43 -6.37 12.75
CA TYR A 87 -0.72 -5.14 13.52
C TYR A 87 -0.98 -5.36 15.01
N ALA A 88 -0.83 -6.59 15.54
CA ALA A 88 -1.04 -6.78 17.00
C ALA A 88 -0.06 -5.90 17.78
N PRO A 89 -0.54 -5.16 18.79
CA PRO A 89 0.41 -4.26 19.48
C PRO A 89 1.63 -4.99 19.97
N GLY A 90 2.81 -4.46 19.68
CA GLY A 90 4.00 -5.06 20.24
C GLY A 90 4.58 -6.22 19.47
N MET A 91 3.73 -7.17 19.06
CA MET A 91 4.17 -8.45 18.50
C MET A 91 3.93 -8.61 16.99
N GLY A 92 3.07 -7.77 16.44
CA GLY A 92 2.76 -7.82 15.00
C GLY A 92 3.96 -7.39 14.18
N TYR A 93 3.98 -7.75 12.90
CA TYR A 93 5.11 -7.45 12.05
C TYR A 93 5.44 -5.95 12.03
N TYR A 94 4.40 -5.14 11.86
CA TYR A 94 4.58 -3.68 11.66
C TYR A 94 4.55 -2.89 12.94
N SER A 95 4.19 -3.55 14.02
CA SER A 95 3.78 -2.87 15.24
C SER A 95 4.66 -3.38 16.38
N GLY A 96 5.97 -3.49 16.09
CA GLY A 96 6.96 -3.93 17.06
C GLY A 96 8.00 -4.85 16.45
N ASP A 110 11.37 -2.70 5.89
CA ASP A 110 10.48 -3.43 4.99
C ASP A 110 9.05 -2.88 5.12
N PHE A 111 8.94 -1.56 4.95
CA PHE A 111 7.63 -0.89 4.81
C PHE A 111 7.38 -0.50 3.34
N VAL A 112 8.45 -0.35 2.56
CA VAL A 112 8.34 -0.14 1.07
C VAL A 112 9.29 -1.06 0.33
N THR A 113 9.04 -1.23 -0.97
CA THR A 113 9.78 -2.24 -1.78
C THR A 113 11.27 -1.88 -1.97
N ALA A 114 11.52 -0.59 -2.16
CA ALA A 114 12.83 -0.10 -2.64
C ALA A 114 13.10 1.23 -1.95
N PRO A 115 13.44 1.20 -0.65
CA PRO A 115 13.63 2.46 0.09
C PRO A 115 14.75 3.33 -0.48
N GLU A 116 15.75 2.70 -1.07
CA GLU A 116 16.91 3.39 -1.64
C GLU A 116 16.55 4.22 -2.88
N LEU A 117 15.34 4.02 -3.41
CA LEU A 117 14.86 4.89 -4.49
C LEU A 117 14.10 6.14 -4.00
N SER A 118 13.96 6.28 -2.69
CA SER A 118 13.13 7.31 -2.12
C SER A 118 13.50 8.74 -2.53
N PRO A 119 14.82 9.13 -2.51
CA PRO A 119 15.24 10.47 -3.05
C PRO A 119 14.82 10.85 -4.48
N LEU A 120 15.14 10.06 -5.48
CA LEU A 120 14.79 10.42 -6.84
C LEU A 120 13.26 10.34 -7.01
N PHE A 121 12.67 9.35 -6.36
CA PHE A 121 11.23 9.17 -6.35
C PHE A 121 10.53 10.38 -5.77
N ALA A 122 10.97 10.81 -4.58
CA ALA A 122 10.36 11.96 -3.93
C ALA A 122 10.56 13.26 -4.72
N GLN A 123 11.76 13.45 -5.29
CA GLN A 123 12.02 14.62 -6.11
C GLN A 123 11.03 14.74 -7.27
N THR A 124 10.72 13.60 -7.89
CA THR A 124 9.81 13.58 -8.99
C THR A 124 8.39 13.74 -8.54
N LEU A 125 7.99 13.01 -7.50
CA LEU A 125 6.61 13.12 -6.97
C LEU A 125 6.26 14.54 -6.53
N ALA A 126 7.28 15.27 -6.04
CA ALA A 126 7.11 16.66 -5.59
C ALA A 126 6.47 17.52 -6.67
N ARG A 127 6.73 17.22 -7.94
CA ARG A 127 6.14 18.05 -9.00
C ARG A 127 4.61 17.99 -9.12
N PRO A 128 4.04 16.79 -9.32
CA PRO A 128 2.56 16.73 -9.24
C PRO A 128 1.99 17.06 -7.87
N VAL A 129 2.69 16.80 -6.78
CA VAL A 129 2.20 17.24 -5.48
C VAL A 129 2.08 18.77 -5.45
N ALA A 130 3.11 19.46 -5.90
CA ALA A 130 3.07 20.93 -5.94
C ALA A 130 1.96 21.42 -6.88
N GLN A 131 1.82 20.80 -8.04
CA GLN A 131 0.77 21.17 -8.96
C GLN A 131 -0.61 20.98 -8.35
N ALA A 132 -0.84 19.92 -7.58
CA ALA A 132 -2.12 19.69 -6.94
C ALA A 132 -2.38 20.71 -5.84
N LEU A 133 -1.34 21.03 -5.06
CA LEU A 133 -1.43 22.08 -4.01
C LEU A 133 -1.83 23.41 -4.68
N ASP A 134 -1.13 23.78 -5.74
CA ASP A 134 -1.43 25.05 -6.43
C ASP A 134 -2.85 25.08 -6.96
N ALA A 135 -3.22 24.00 -7.64
CA ALA A 135 -4.53 23.92 -8.29
C ALA A 135 -5.70 23.96 -7.30
N SER A 136 -5.52 23.36 -6.12
CA SER A 136 -6.51 23.35 -5.07
C SER A 136 -6.40 24.49 -4.06
N GLY A 137 -5.35 25.29 -4.18
CA GLY A 137 -5.08 26.40 -3.23
C GLY A 137 -4.87 25.91 -1.83
N THR A 138 -4.16 24.80 -1.67
CA THR A 138 -3.89 24.25 -0.35
C THR A 138 -2.39 24.21 -0.07
N ARG A 139 -2.03 23.91 1.18
CA ARG A 139 -0.67 24.10 1.65
C ARG A 139 -0.24 23.07 2.69
N ARG A 140 -0.83 21.87 2.65
CA ARG A 140 -0.54 20.82 3.61
C ARG A 140 -0.41 19.50 2.88
N VAL A 141 0.47 18.64 3.38
CA VAL A 141 0.57 17.26 2.95
C VAL A 141 0.28 16.34 4.15
N MET A 142 -0.39 15.24 3.89
CA MET A 142 -0.63 14.21 4.89
C MET A 142 -0.24 12.86 4.31
N GLU A 143 0.67 12.16 4.97
CA GLU A 143 1.08 10.84 4.50
C GLU A 143 0.56 9.79 5.48
N PHE A 144 -0.08 8.75 4.96
CA PHE A 144 -0.56 7.67 5.82
C PHE A 144 0.51 6.62 5.86
N GLY A 145 0.80 6.13 7.08
CA GLY A 145 1.80 5.08 7.33
C GLY A 145 3.18 5.69 7.47
N ALA A 146 3.82 5.88 6.33
CA ALA A 146 5.05 6.69 6.11
C ALA A 146 6.32 5.90 6.28
N GLY A 147 6.19 4.59 6.55
CA GLY A 147 7.41 3.75 6.68
C GLY A 147 8.40 4.26 7.73
N THR A 148 9.68 4.37 7.38
CA THR A 148 10.66 4.95 8.27
C THR A 148 10.89 6.47 8.01
N GLY A 149 10.02 7.06 7.20
CA GLY A 149 10.05 8.48 6.99
C GLY A 149 10.94 8.95 5.84
N LYS A 150 11.46 8.04 5.06
CA LYS A 150 12.33 8.44 3.91
C LYS A 150 11.60 9.25 2.85
N LEU A 151 10.37 8.87 2.53
CA LEU A 151 9.59 9.64 1.55
C LEU A 151 9.23 11.02 2.08
N ALA A 152 8.86 11.11 3.36
CA ALA A 152 8.51 12.39 3.96
C ALA A 152 9.72 13.32 3.89
N ALA A 153 10.90 12.83 4.29
CA ALA A 153 12.09 13.68 4.28
C ALA A 153 12.38 14.16 2.85
N GLY A 154 12.24 13.24 1.88
CA GLY A 154 12.49 13.56 0.48
C GLY A 154 11.49 14.53 -0.08
N LEU A 155 10.21 14.34 0.25
CA LEU A 155 9.13 15.15 -0.33
C LEU A 155 9.17 16.57 0.29
N LEU A 156 9.43 16.61 1.58
CA LEU A 156 9.55 17.89 2.27
C LEU A 156 10.68 18.72 1.66
N THR A 157 11.84 18.08 1.54
CA THR A 157 13.02 18.74 1.00
C THR A 157 12.82 19.19 -0.46
N ALA A 158 12.22 18.32 -1.24
CA ALA A 158 12.06 18.60 -2.65
C ALA A 158 11.02 19.71 -2.86
N LEU A 159 9.91 19.65 -2.14
CA LEU A 159 8.93 20.71 -2.25
C LEU A 159 9.53 22.08 -1.88
N ALA A 160 10.22 22.12 -0.76
CA ALA A 160 10.87 23.37 -0.31
C ALA A 160 11.85 23.87 -1.35
N ALA A 161 12.62 22.98 -1.94
CA ALA A 161 13.60 23.36 -2.98
C ALA A 161 12.94 23.98 -4.22
N LEU A 162 11.72 23.54 -4.52
CA LEU A 162 10.87 24.05 -5.60
C LEU A 162 10.03 25.28 -5.22
N GLY A 163 10.23 25.80 -4.01
CA GLY A 163 9.57 27.07 -3.60
C GLY A 163 8.28 26.87 -2.86
N VAL A 164 8.00 25.63 -2.47
CA VAL A 164 6.71 25.28 -1.81
C VAL A 164 6.94 24.93 -0.36
N GLU A 165 6.56 25.82 0.53
CA GLU A 165 6.54 25.53 1.97
C GLU A 165 5.13 25.11 2.41
N LEU A 166 5.10 24.15 3.32
CA LEU A 166 3.87 23.64 3.85
C LEU A 166 3.59 24.22 5.23
N ASP A 167 2.31 24.47 5.50
CA ASP A 167 1.87 24.78 6.86
C ASP A 167 2.11 23.58 7.81
N GLU A 168 2.02 22.38 7.28
CA GLU A 168 2.29 21.16 8.06
C GLU A 168 2.48 19.95 7.09
N TYR A 169 3.32 19.01 7.49
CA TYR A 169 3.39 17.68 6.85
C TYR A 169 2.94 16.75 7.95
N ALA A 170 1.73 16.21 7.82
CA ALA A 170 1.12 15.34 8.81
C ALA A 170 1.43 13.90 8.49
N ILE A 171 1.87 13.14 9.48
CA ILE A 171 2.04 11.67 9.31
C ILE A 171 1.03 10.93 10.18
N VAL A 172 0.24 10.04 9.58
CA VAL A 172 -0.69 9.21 10.33
C VAL A 172 -0.05 7.89 10.70
N ASP A 173 0.15 7.71 12.00
CA ASP A 173 0.84 6.57 12.60
C ASP A 173 -0.11 5.98 13.62
N LEU A 174 -1.03 5.14 13.16
CA LEU A 174 -2.12 4.67 13.99
C LEU A 174 -1.62 3.95 15.22
N SER A 175 -0.54 3.17 15.08
CA SER A 175 -0.11 2.33 16.19
C SER A 175 0.77 3.06 17.19
N GLY A 176 1.37 4.18 16.78
CA GLY A 176 2.31 4.86 17.67
C GLY A 176 3.70 4.31 17.47
N GLU A 177 3.81 3.17 16.79
CA GLU A 177 5.07 2.46 16.76
C GLU A 177 6.05 2.94 15.69
N LEU A 178 5.57 3.65 14.66
CA LEU A 178 6.43 4.03 13.54
C LEU A 178 7.07 5.39 13.73
N ARG A 179 6.48 6.24 14.55
CA ARG A 179 6.92 7.63 14.54
C ARG A 179 8.33 7.86 15.11
N ALA A 180 8.81 7.04 16.07
CA ALA A 180 10.14 7.28 16.59
C ALA A 180 11.20 7.20 15.51
N ARG A 181 11.16 6.16 14.69
CA ARG A 181 12.14 6.05 13.61
C ARG A 181 11.95 7.15 12.56
N GLN A 182 10.70 7.49 12.24
CA GLN A 182 10.42 8.56 11.29
C GLN A 182 11.02 9.90 11.75
N ARG A 183 10.86 10.21 13.03
CA ARG A 183 11.38 11.44 13.62
C ARG A 183 12.90 11.47 13.52
N GLU A 184 13.54 10.34 13.77
CA GLU A 184 15.00 10.21 13.64
C GLU A 184 15.46 10.47 12.20
N THR A 185 14.77 9.86 11.24
CA THR A 185 15.07 10.00 9.81
C THR A 185 14.92 11.47 9.39
N LEU A 186 13.81 12.08 9.78
CA LEU A 186 13.58 13.49 9.46
C LEU A 186 14.63 14.42 10.07
N GLY A 187 15.01 14.16 11.31
CA GLY A 187 16.02 14.99 11.96
C GLY A 187 17.35 14.92 11.24
N ALA A 188 17.69 13.72 10.76
CA ALA A 188 18.95 13.43 10.08
C ALA A 188 18.97 13.93 8.63
N GLN A 189 17.86 13.75 7.92
CA GLN A 189 17.80 13.98 6.47
C GLN A 189 17.10 15.25 6.01
N ALA A 190 16.32 15.88 6.90
CA ALA A 190 15.59 17.11 6.58
C ALA A 190 15.63 18.05 7.79
N PRO A 191 16.84 18.28 8.35
CA PRO A 191 16.87 19.15 9.53
C PRO A 191 16.31 20.51 9.17
N GLY A 192 15.57 21.11 10.09
N GLY A 192 15.67 21.17 10.12
CA GLY A 192 15.04 22.45 9.83
CA GLY A 192 15.04 22.45 9.84
C GLY A 192 13.83 22.55 8.91
C GLY A 192 13.62 22.19 9.38
N LEU A 193 13.45 21.44 8.28
CA LEU A 193 12.06 21.22 7.78
C LEU A 193 11.33 20.24 8.72
N ALA A 194 12.10 19.47 9.47
CA ALA A 194 11.56 18.51 10.42
C ALA A 194 10.55 19.14 11.37
N ALA A 195 10.73 20.41 11.70
CA ALA A 195 9.86 21.10 12.66
C ALA A 195 8.43 21.30 12.14
N ARG A 196 8.23 21.16 10.83
CA ARG A 196 6.91 21.26 10.20
C ARG A 196 6.12 19.96 10.27
N VAL A 197 6.73 18.87 10.73
CA VAL A 197 6.09 17.56 10.74
C VAL A 197 5.29 17.37 12.02
N ARG A 198 4.07 16.87 11.90
CA ARG A 198 3.28 16.50 13.06
C ARG A 198 2.72 15.12 12.83
N TRP A 199 2.58 14.34 13.90
CA TRP A 199 2.04 13.00 13.81
C TRP A 199 0.63 12.93 14.38
N LEU A 200 -0.20 12.16 13.69
CA LEU A 200 -1.60 11.97 14.05
C LEU A 200 -1.86 10.52 14.42
N ASP A 201 -2.80 10.31 15.35
CA ASP A 201 -3.17 8.98 15.79
C ASP A 201 -4.31 8.39 14.94
N ALA A 202 -4.99 9.22 14.17
CA ALA A 202 -6.12 8.79 13.33
C ALA A 202 -6.32 9.78 12.21
N LEU A 203 -7.00 9.39 11.14
CA LEU A 203 -7.36 10.39 10.14
C LEU A 203 -8.25 11.46 10.80
N PRO A 204 -8.02 12.75 10.49
CA PRO A 204 -8.94 13.82 10.93
C PRO A 204 -10.29 13.75 10.17
N GLU A 205 -11.31 14.47 10.68
CA GLU A 205 -12.63 14.49 10.03
C GLU A 205 -12.58 15.19 8.68
N ARG A 206 -11.73 16.20 8.58
CA ARG A 206 -11.62 17.01 7.38
C ARG A 206 -10.17 17.35 7.11
N PHE A 207 -9.83 17.44 5.83
CA PHE A 207 -8.47 17.75 5.42
C PHE A 207 -8.48 18.58 4.12
N GLU A 208 -7.63 19.60 4.08
CA GLU A 208 -7.38 20.41 2.89
C GLU A 208 -5.91 20.34 2.57
N GLY A 209 -5.57 19.69 1.46
CA GLY A 209 -4.18 19.50 1.08
C GLY A 209 -4.04 18.27 0.23
N VAL A 210 -2.85 17.70 0.24
CA VAL A 210 -2.51 16.52 -0.59
C VAL A 210 -2.18 15.33 0.32
N VAL A 211 -2.92 14.25 0.11
CA VAL A 211 -2.73 13.01 0.87
C VAL A 211 -1.87 12.09 -0.01
N VAL A 212 -0.93 11.42 0.64
CA VAL A 212 0.00 10.46 -0.03
C VAL A 212 -0.08 9.08 0.68
N GLY A 213 -0.36 8.01 -0.08
CA GLY A 213 -0.38 6.66 0.48
C GLY A 213 0.50 5.79 -0.41
N ASN A 214 1.76 5.61 -0.01
CA ASN A 214 2.74 4.89 -0.76
C ASN A 214 2.94 3.48 -0.23
N GLU A 215 2.55 2.47 -1.00
CA GLU A 215 2.57 1.09 -0.53
C GLU A 215 1.88 0.88 0.82
N VAL A 216 0.72 1.50 1.01
CA VAL A 216 -0.07 1.25 2.20
C VAL A 216 -1.31 0.42 1.92
N LEU A 217 -1.89 0.53 0.73
CA LEU A 217 -3.08 -0.27 0.41
C LEU A 217 -2.78 -1.76 0.38
N ASP A 218 -1.57 -2.11 -0.06
CA ASP A 218 -1.17 -3.51 -0.21
C ASP A 218 -1.03 -4.24 1.13
N ALA A 219 -0.98 -3.50 2.24
CA ALA A 219 -0.74 -4.13 3.57
C ALA A 219 -1.97 -4.10 4.44
N MET A 220 -3.08 -3.63 3.86
CA MET A 220 -4.35 -3.66 4.57
C MET A 220 -4.99 -5.06 4.46
N PRO A 221 -5.63 -5.51 5.55
CA PRO A 221 -6.08 -6.90 5.57
C PRO A 221 -6.97 -7.24 4.41
N VAL A 222 -6.77 -8.43 3.84
CA VAL A 222 -7.63 -8.93 2.77
C VAL A 222 -8.38 -10.17 3.26
N ARG A 223 -9.53 -10.44 2.65
CA ARG A 223 -10.18 -11.73 2.84
CA ARG A 223 -10.18 -11.74 2.82
C ARG A 223 -9.81 -12.59 1.63
N LEU A 224 -9.83 -13.90 1.80
CA LEU A 224 -9.58 -14.81 0.71
C LEU A 224 -10.87 -15.50 0.32
N VAL A 225 -11.04 -15.70 -0.97
CA VAL A 225 -12.25 -16.33 -1.47
C VAL A 225 -11.85 -17.43 -2.43
N ALA A 226 -12.60 -18.53 -2.43
CA ALA A 226 -12.24 -19.69 -3.24
C ALA A 226 -13.47 -20.16 -4.00
N LYS A 227 -13.25 -20.52 -5.25
CA LYS A 227 -14.34 -21.01 -6.12
C LYS A 227 -14.49 -22.49 -6.00
N GLN A 228 -15.57 -22.92 -5.37
CA GLN A 228 -15.97 -24.32 -5.25
CA GLN A 228 -15.83 -24.34 -5.37
C GLN A 228 -17.01 -24.63 -6.33
N ALA A 229 -17.24 -25.91 -6.57
CA ALA A 229 -18.31 -26.36 -7.46
C ALA A 229 -19.62 -25.68 -7.07
N ARG A 230 -19.92 -25.72 -5.77
CA ARG A 230 -21.17 -25.16 -5.23
C ARG A 230 -21.25 -23.64 -5.31
N GLY A 231 -20.16 -23.00 -5.74
CA GLY A 231 -20.07 -21.55 -5.84
C GLY A 231 -18.92 -21.03 -4.97
N TRP A 232 -18.80 -19.70 -4.95
CA TRP A 232 -17.75 -19.04 -4.14
C TRP A 232 -17.95 -19.26 -2.68
N CYS A 233 -16.86 -19.39 -1.95
CA CYS A 233 -16.92 -19.42 -0.50
C CYS A 233 -15.74 -18.67 0.07
N GLU A 234 -15.70 -18.58 1.39
CA GLU A 234 -14.61 -17.85 2.04
C GLU A 234 -13.55 -18.83 2.51
N ARG A 235 -12.29 -18.47 2.23
CA ARG A 235 -11.14 -19.15 2.71
C ARG A 235 -10.63 -18.43 3.97
N GLY A 236 -10.75 -19.11 5.11
CA GLY A 236 -10.28 -18.58 6.37
C GLY A 236 -9.23 -19.45 6.97
N VAL A 237 -9.03 -19.28 8.27
CA VAL A 237 -7.98 -19.95 8.99
C VAL A 237 -8.55 -20.81 10.13
N SER A 238 -8.10 -22.07 10.18
CA SER A 238 -8.41 -23.01 11.22
C SER A 238 -7.12 -23.57 11.83
N ILE A 239 -7.24 -24.47 12.81
CA ILE A 239 -6.10 -25.17 13.37
C ILE A 239 -6.32 -26.65 13.09
N ASP A 240 -5.29 -27.37 12.70
CA ASP A 240 -5.39 -28.81 12.55
C ASP A 240 -5.10 -29.55 13.86
N ASP A 241 -5.12 -30.89 13.77
CA ASP A 241 -5.04 -31.73 14.95
CA ASP A 241 -5.04 -31.71 14.96
C ASP A 241 -3.64 -31.68 15.57
N ALA A 242 -2.65 -31.21 14.81
CA ALA A 242 -1.29 -30.96 15.35
C ALA A 242 -1.07 -29.53 15.78
N GLY A 243 -2.14 -28.74 15.82
CA GLY A 243 -2.03 -27.36 16.25
C GLY A 243 -1.49 -26.40 15.20
N ALA A 244 -1.37 -26.81 13.94
CA ALA A 244 -0.84 -25.92 12.90
C ALA A 244 -1.96 -25.11 12.29
N PHE A 245 -1.63 -23.89 11.86
CA PHE A 245 -2.63 -23.10 11.10
C PHE A 245 -2.84 -23.84 9.78
N VAL A 246 -4.08 -23.83 9.30
CA VAL A 246 -4.46 -24.42 8.00
CA VAL A 246 -4.39 -24.35 7.96
C VAL A 246 -5.49 -23.49 7.37
N PHE A 247 -5.46 -23.32 6.03
CA PHE A 247 -6.60 -22.67 5.39
C PHE A 247 -7.80 -23.61 5.44
N ALA A 248 -9.00 -23.04 5.51
CA ALA A 248 -10.21 -23.82 5.54
C ALA A 248 -11.29 -23.05 4.88
N ASP A 249 -12.01 -23.72 3.98
CA ASP A 249 -13.03 -23.03 3.19
C ASP A 249 -14.42 -23.22 3.79
N ARG A 250 -15.20 -22.13 3.87
CA ARG A 250 -16.53 -22.14 4.48
C ARG A 250 -17.51 -21.33 3.65
N PRO A 251 -18.79 -21.74 3.59
CA PRO A 251 -19.74 -20.87 2.93
C PRO A 251 -19.81 -19.50 3.57
N PHE A 252 -20.14 -18.49 2.76
CA PHE A 252 -20.29 -17.13 3.25
C PHE A 252 -21.38 -17.02 4.29
N ALA A 253 -21.16 -16.19 5.31
CA ALA A 253 -22.20 -15.88 6.30
C ALA A 253 -23.29 -15.15 5.55
N ARG A 254 -22.92 -14.02 4.96
CA ARG A 254 -23.83 -13.25 4.12
C ARG A 254 -23.81 -13.85 2.72
N ALA A 255 -24.79 -14.71 2.42
CA ALA A 255 -24.93 -15.28 1.07
C ALA A 255 -24.93 -14.17 0.00
N GLU A 256 -25.36 -12.97 0.39
CA GLU A 256 -25.21 -11.78 -0.44
C GLU A 256 -23.79 -11.57 -0.95
N GLU A 257 -22.79 -11.82 -0.10
CA GLU A 257 -21.36 -11.57 -0.44
C GLU A 257 -20.79 -12.44 -1.57
N ALA A 258 -21.44 -13.56 -1.87
CA ALA A 258 -21.08 -14.37 -3.04
C ALA A 258 -21.49 -13.67 -4.36
N ALA A 259 -22.54 -12.83 -4.32
CA ALA A 259 -23.05 -12.20 -5.54
C ALA A 259 -21.98 -11.33 -6.19
N ARG A 260 -21.28 -10.53 -5.37
CA ARG A 260 -20.23 -9.67 -5.91
C ARG A 260 -19.12 -10.46 -6.64
N LEU A 261 -19.00 -11.76 -6.37
CA LEU A 261 -17.96 -12.56 -7.01
C LEU A 261 -18.39 -13.19 -8.34
N ALA A 262 -19.69 -13.14 -8.64
CA ALA A 262 -20.26 -13.79 -9.84
C ALA A 262 -19.58 -13.34 -11.13
N GLY A 263 -19.16 -12.08 -11.20
CA GLY A 263 -18.53 -11.51 -12.38
C GLY A 263 -17.18 -12.08 -12.76
N ILE A 264 -16.54 -12.81 -11.84
CA ILE A 264 -15.19 -13.31 -12.06
C ILE A 264 -15.21 -14.56 -12.95
N ASP A 265 -14.41 -14.51 -14.02
CA ASP A 265 -14.29 -15.62 -14.96
C ASP A 265 -13.34 -16.65 -14.33
N ALA A 266 -13.88 -17.40 -13.35
CA ALA A 266 -13.05 -18.32 -12.57
C ALA A 266 -13.53 -19.73 -12.72
N ASP A 267 -12.61 -20.63 -13.03
CA ASP A 267 -12.85 -22.05 -12.92
C ASP A 267 -12.75 -22.50 -11.47
N GLU A 268 -13.38 -23.65 -11.22
CA GLU A 268 -13.31 -24.30 -9.93
C GLU A 268 -11.85 -24.34 -9.51
N GLY A 269 -11.59 -24.02 -8.24
CA GLY A 269 -10.25 -24.06 -7.65
C GLY A 269 -9.55 -22.73 -7.53
N TYR A 270 -10.02 -21.75 -8.29
CA TYR A 270 -9.54 -20.36 -8.22
C TYR A 270 -9.57 -19.83 -6.80
N VAL A 271 -8.50 -19.17 -6.41
CA VAL A 271 -8.39 -18.60 -5.08
C VAL A 271 -7.87 -17.19 -5.26
N THR A 272 -8.49 -16.22 -4.60
CA THR A 272 -8.10 -14.83 -4.80
C THR A 272 -8.47 -14.00 -3.57
N GLU A 273 -8.21 -12.70 -3.64
CA GLU A 273 -8.38 -11.81 -2.50
C GLU A 273 -9.46 -10.82 -2.79
N THR A 274 -10.22 -10.47 -1.75
CA THR A 274 -11.01 -9.26 -1.72
C THR A 274 -10.37 -8.21 -0.76
N HIS A 275 -10.70 -6.95 -1.04
CA HIS A 275 -10.02 -5.78 -0.44
C HIS A 275 -10.94 -4.84 0.28
N ASP A 276 -11.86 -5.39 1.08
CA ASP A 276 -12.84 -4.56 1.82
C ASP A 276 -12.14 -3.48 2.67
N ALA A 277 -11.03 -3.82 3.32
CA ALA A 277 -10.38 -2.88 4.24
C ALA A 277 -9.79 -1.71 3.49
N ALA A 278 -9.14 -2.00 2.37
CA ALA A 278 -8.61 -0.93 1.52
C ALA A 278 -9.68 -0.04 0.94
N VAL A 279 -10.77 -0.65 0.47
CA VAL A 279 -11.91 0.09 -0.01
C VAL A 279 -12.46 1.06 1.08
N ALA A 280 -12.62 0.53 2.30
CA ALA A 280 -13.13 1.26 3.44
C ALA A 280 -12.23 2.44 3.67
N PHE A 281 -10.91 2.18 3.58
CA PHE A 281 -9.92 3.25 3.80
C PHE A 281 -9.98 4.36 2.78
N VAL A 282 -10.07 4.00 1.50
CA VAL A 282 -10.16 4.99 0.44
C VAL A 282 -11.47 5.79 0.54
N ARG A 283 -12.57 5.13 0.89
CA ARG A 283 -13.80 5.88 1.13
C ARG A 283 -13.58 6.91 2.21
N THR A 284 -12.96 6.50 3.31
CA THR A 284 -12.78 7.38 4.47
C THR A 284 -11.90 8.56 4.09
N VAL A 285 -10.80 8.29 3.38
CA VAL A 285 -9.93 9.38 2.92
C VAL A 285 -10.61 10.38 2.00
N CYS A 286 -11.40 9.88 1.06
CA CYS A 286 -12.01 10.72 0.06
C CYS A 286 -13.21 11.48 0.66
N ALA A 287 -13.82 10.94 1.70
CA ALA A 287 -14.88 11.67 2.38
C ALA A 287 -14.26 12.78 3.26
N MET A 288 -13.09 12.50 3.80
CA MET A 288 -12.32 13.46 4.62
C MET A 288 -11.78 14.62 3.81
N LEU A 289 -11.25 14.30 2.65
CA LEU A 289 -10.67 15.31 1.77
C LEU A 289 -11.71 16.35 1.35
N ALA A 290 -11.57 17.60 1.79
CA ALA A 290 -12.52 18.67 1.42
C ALA A 290 -12.08 19.40 0.17
N ARG A 291 -10.78 19.49 -0.02
CA ARG A 291 -10.16 20.21 -1.13
C ARG A 291 -8.74 19.74 -1.24
N GLY A 292 -8.27 19.43 -2.44
CA GLY A 292 -6.91 18.92 -2.65
C GLY A 292 -6.93 17.62 -3.44
N ALA A 293 -6.00 16.71 -3.13
CA ALA A 293 -5.85 15.50 -3.91
C ALA A 293 -5.36 14.39 -2.98
N ALA A 294 -5.49 13.15 -3.43
CA ALA A 294 -4.99 11.98 -2.69
C ALA A 294 -4.36 11.10 -3.75
N PHE A 295 -3.08 10.79 -3.57
CA PHE A 295 -2.32 9.89 -4.45
C PHE A 295 -2.06 8.58 -3.73
N PHE A 296 -2.41 7.46 -4.37
CA PHE A 296 -2.03 6.13 -3.90
C PHE A 296 -1.12 5.46 -4.89
N ILE A 297 0.04 5.02 -4.43
CA ILE A 297 1.04 4.36 -5.25
C ILE A 297 1.14 2.93 -4.76
N ASP A 298 0.97 1.99 -5.67
CA ASP A 298 1.03 0.59 -5.25
C ASP A 298 1.04 -0.34 -6.44
N TYR A 299 1.45 -1.57 -6.16
CA TYR A 299 1.40 -2.63 -7.15
C TYR A 299 0.02 -3.26 -7.24
N GLY A 300 -0.42 -3.46 -8.46
CA GLY A 300 -1.74 -4.03 -8.72
C GLY A 300 -2.28 -3.72 -10.09
N PHE A 301 -3.59 -3.95 -10.29
CA PHE A 301 -4.16 -3.96 -11.63
C PHE A 301 -5.63 -3.61 -11.53
N PRO A 302 -6.22 -3.15 -12.62
CA PRO A 302 -7.67 -3.07 -12.67
C PRO A 302 -8.31 -4.46 -12.60
N SER A 303 -9.61 -4.48 -12.42
CA SER A 303 -10.29 -5.71 -12.02
C SER A 303 -10.16 -6.83 -13.07
N HIS A 304 -10.30 -6.48 -14.36
CA HIS A 304 -10.24 -7.48 -15.46
C HIS A 304 -8.95 -8.27 -15.43
N GLU A 305 -7.87 -7.56 -15.18
CA GLU A 305 -6.56 -8.14 -15.07
C GLU A 305 -6.29 -8.78 -13.73
N TYR A 306 -6.77 -8.13 -12.68
CA TYR A 306 -6.57 -8.67 -11.32
C TYR A 306 -7.20 -10.07 -11.22
N TYR A 307 -8.42 -10.18 -11.71
CA TYR A 307 -9.22 -11.43 -11.62
C TYR A 307 -9.22 -12.16 -12.95
N HIS A 308 -8.12 -12.08 -13.66
CA HIS A 308 -7.95 -12.80 -14.92
C HIS A 308 -8.10 -14.30 -14.69
N ARG A 309 -8.65 -14.99 -15.69
CA ARG A 309 -8.87 -16.45 -15.64
C ARG A 309 -7.61 -17.20 -15.23
N GLN A 310 -6.45 -16.74 -15.70
CA GLN A 310 -5.17 -17.38 -15.40
C GLN A 310 -4.51 -16.99 -14.07
N ARG A 311 -5.02 -15.99 -13.35
CA ARG A 311 -4.45 -15.63 -12.05
C ARG A 311 -5.15 -16.39 -10.90
N ALA A 312 -5.15 -17.71 -11.05
CA ALA A 312 -5.96 -18.56 -10.19
C ALA A 312 -5.39 -18.86 -8.80
N GLN A 313 -4.24 -18.31 -8.44
CA GLN A 313 -3.80 -18.37 -7.06
C GLN A 313 -3.74 -16.97 -6.45
N GLY A 314 -4.32 -15.99 -7.14
CA GLY A 314 -4.39 -14.63 -6.63
C GLY A 314 -3.03 -13.97 -6.60
N THR A 315 -2.86 -13.04 -5.65
CA THR A 315 -1.65 -12.25 -5.53
C THR A 315 -1.00 -12.25 -4.15
N LEU A 316 -1.55 -12.99 -3.19
CA LEU A 316 -0.99 -12.97 -1.84
C LEU A 316 0.47 -13.35 -1.88
N MET A 317 1.31 -12.60 -1.19
CA MET A 317 2.72 -12.92 -1.14
C MET A 317 3.28 -12.51 0.20
N CYS A 318 4.14 -13.37 0.73
CA CYS A 318 4.78 -13.17 2.01
C CYS A 318 6.29 -13.00 1.81
N HIS A 319 6.91 -12.26 2.71
CA HIS A 319 8.35 -12.02 2.64
C HIS A 319 8.95 -12.28 3.98
N TYR A 320 9.80 -13.30 4.04
CA TYR A 320 10.48 -13.69 5.26
C TYR A 320 11.98 -13.63 4.99
N ARG A 321 12.66 -12.73 5.71
CA ARG A 321 14.10 -12.48 5.53
C ARG A 321 14.34 -12.22 4.03
N HIS A 322 13.56 -11.29 3.50
CA HIS A 322 13.59 -10.96 2.08
C HIS A 322 13.70 -12.20 1.23
N ARG A 323 12.75 -13.12 1.42
CA ARG A 323 12.53 -14.26 0.54
C ARG A 323 11.01 -14.29 0.31
N ALA A 324 10.60 -14.17 -0.94
CA ALA A 324 9.18 -14.17 -1.35
C ALA A 324 8.64 -15.58 -1.39
N HIS A 325 7.48 -15.81 -0.78
CA HIS A 325 6.86 -17.13 -0.80
C HIS A 325 5.40 -17.03 -0.42
N GLY A 326 4.64 -18.10 -0.58
CA GLY A 326 3.19 -18.00 -0.52
C GLY A 326 2.54 -18.25 0.82
N ASP A 327 3.30 -18.64 1.84
CA ASP A 327 2.72 -19.21 3.05
C ASP A 327 2.61 -18.20 4.19
N PRO A 328 1.39 -17.70 4.48
CA PRO A 328 1.25 -16.72 5.54
C PRO A 328 1.34 -17.25 6.98
N PHE A 329 1.49 -18.57 7.17
CA PHE A 329 1.53 -19.19 8.47
C PHE A 329 2.99 -19.39 8.93
N VAL A 330 3.94 -19.03 8.08
CA VAL A 330 5.37 -18.99 8.51
C VAL A 330 5.60 -17.86 9.54
N TYR A 331 6.24 -18.22 10.66
CA TYR A 331 6.64 -17.31 11.72
C TYR A 331 5.77 -16.05 11.85
N PRO A 332 4.53 -16.22 12.34
CA PRO A 332 3.67 -15.07 12.59
C PRO A 332 4.41 -13.93 13.33
N GLY A 333 4.30 -12.73 12.80
CA GLY A 333 4.93 -11.57 13.43
C GLY A 333 6.30 -11.28 12.87
N LEU A 334 6.93 -12.22 12.16
CA LEU A 334 8.29 -12.05 11.67
C LEU A 334 8.40 -11.93 10.15
N GLN A 335 7.26 -11.97 9.45
CA GLN A 335 7.24 -11.76 8.04
C GLN A 335 6.09 -10.83 7.63
N ASP A 336 6.28 -10.21 6.48
CA ASP A 336 5.28 -9.34 5.82
C ASP A 336 4.28 -10.24 5.12
N ILE A 337 3.04 -9.76 5.00
CA ILE A 337 2.02 -10.41 4.18
C ILE A 337 1.37 -9.28 3.37
N THR A 338 1.38 -9.38 2.04
CA THR A 338 0.78 -8.32 1.22
C THR A 338 -0.08 -8.95 0.15
N ALA A 339 -0.94 -8.15 -0.43
CA ALA A 339 -1.67 -8.56 -1.61
C ALA A 339 -1.57 -7.40 -2.58
N HIS A 340 -1.66 -7.66 -3.86
CA HIS A 340 -1.70 -6.55 -4.84
C HIS A 340 -3.00 -5.81 -4.70
N VAL A 341 -3.05 -4.60 -5.23
CA VAL A 341 -4.20 -3.78 -5.15
C VAL A 341 -5.09 -3.93 -6.37
N GLU A 342 -6.39 -3.96 -6.14
CA GLU A 342 -7.37 -4.09 -7.23
C GLU A 342 -7.93 -2.69 -7.47
N PHE A 343 -7.40 -2.03 -8.50
CA PHE A 343 -7.61 -0.59 -8.68
C PHE A 343 -9.00 -0.18 -9.11
N SER A 344 -9.80 -1.07 -9.70
CA SER A 344 -11.17 -0.71 -10.08
C SER A 344 -12.04 -0.46 -8.86
N ALA A 345 -11.93 -1.33 -7.88
CA ALA A 345 -12.61 -1.18 -6.59
C ALA A 345 -12.12 0.07 -5.86
N ILE A 346 -10.81 0.34 -5.92
CA ILE A 346 -10.27 1.59 -5.35
C ILE A 346 -10.88 2.81 -6.05
N HIS A 347 -10.91 2.79 -7.39
CA HIS A 347 -11.59 3.85 -8.15
C HIS A 347 -13.02 4.08 -7.70
N GLU A 348 -13.79 2.99 -7.61
CA GLU A 348 -15.20 3.11 -7.19
C GLU A 348 -15.32 3.63 -5.77
N ALA A 349 -14.40 3.23 -4.91
CA ALA A 349 -14.37 3.67 -3.51
C ALA A 349 -14.26 5.19 -3.42
N GLY A 350 -13.30 5.74 -4.16
CA GLY A 350 -13.06 7.16 -4.10
C GLY A 350 -14.13 8.02 -4.75
N VAL A 351 -14.57 7.64 -5.96
CA VAL A 351 -15.55 8.45 -6.66
CA VAL A 351 -15.56 8.44 -6.66
C VAL A 351 -16.93 8.26 -6.02
N GLY A 352 -17.18 7.09 -5.43
CA GLY A 352 -18.43 6.83 -4.71
C GLY A 352 -18.55 7.66 -3.44
N ALA A 353 -17.44 8.16 -2.95
CA ALA A 353 -17.41 9.07 -1.83
C ALA A 353 -17.57 10.51 -2.29
N GLY A 354 -17.62 10.72 -3.60
CA GLY A 354 -17.90 12.04 -4.19
C GLY A 354 -16.66 12.76 -4.71
N ALA A 355 -15.48 12.18 -4.55
CA ALA A 355 -14.26 12.78 -5.12
C ALA A 355 -14.24 12.51 -6.62
N ASP A 356 -13.53 13.37 -7.34
CA ASP A 356 -13.21 13.16 -8.73
C ASP A 356 -12.04 12.22 -8.87
N LEU A 357 -12.01 11.46 -9.97
CA LEU A 357 -10.82 10.72 -10.35
C LEU A 357 -9.93 11.67 -11.09
N LEU A 358 -8.77 11.95 -10.52
CA LEU A 358 -7.78 12.85 -11.09
C LEU A 358 -6.89 12.14 -12.10
N GLY A 359 -6.59 10.85 -11.90
CA GLY A 359 -5.90 10.06 -12.89
C GLY A 359 -5.63 8.64 -12.41
N TYR A 360 -5.21 7.80 -13.34
CA TYR A 360 -4.79 6.40 -13.12
C TYR A 360 -3.84 6.00 -14.24
N THR A 361 -2.60 5.65 -13.90
CA THR A 361 -1.65 5.23 -14.91
C THR A 361 -0.56 4.41 -14.26
N SER A 362 0.38 3.92 -15.05
CA SER A 362 1.47 3.13 -14.49
C SER A 362 2.47 4.06 -13.81
N GLN A 363 3.20 3.56 -12.81
CA GLN A 363 4.26 4.37 -12.21
C GLN A 363 5.24 4.88 -13.25
N ALA A 364 5.60 4.07 -14.23
CA ALA A 364 6.50 4.55 -15.30
C ALA A 364 5.96 5.78 -16.00
N ARG A 365 4.70 5.72 -16.41
CA ARG A 365 4.11 6.80 -17.17
C ARG A 365 3.98 8.03 -16.28
N PHE A 366 3.60 7.83 -15.02
CA PHE A 366 3.42 8.94 -14.07
C PHE A 366 4.78 9.67 -13.86
N LEU A 367 5.82 8.88 -13.60
CA LEU A 367 7.16 9.41 -13.31
C LEU A 367 7.77 10.06 -14.56
N LEU A 368 7.60 9.43 -15.70
CA LEU A 368 8.03 10.05 -16.95
C LEU A 368 7.33 11.42 -17.18
N ASN A 369 6.00 11.42 -17.07
CA ASN A 369 5.22 12.63 -17.22
C ASN A 369 5.61 13.75 -16.27
N ALA A 370 5.98 13.34 -15.06
CA ALA A 370 6.36 14.24 -13.99
C ALA A 370 7.80 14.72 -14.11
N GLY A 371 8.55 14.22 -15.09
CA GLY A 371 9.88 14.75 -15.33
C GLY A 371 11.06 14.02 -14.75
N ILE A 372 10.93 12.72 -14.46
CA ILE A 372 12.05 11.96 -13.86
C ILE A 372 13.32 12.00 -14.72
N THR A 373 13.19 11.95 -16.04
CA THR A 373 14.37 11.93 -16.89
C THR A 373 15.04 13.29 -16.85
N ASP A 374 14.25 14.31 -16.60
CA ASP A 374 14.81 15.68 -16.48
C ASP A 374 15.61 15.78 -15.19
N VAL A 375 15.07 15.17 -14.13
CA VAL A 375 15.77 15.09 -12.87
C VAL A 375 17.10 14.36 -13.11
N LEU A 376 17.06 13.19 -13.73
CA LEU A 376 18.32 12.47 -14.05
C LEU A 376 19.28 13.33 -14.85
N ALA A 377 18.74 14.10 -15.79
CA ALA A 377 19.59 14.89 -16.72
C ALA A 377 20.30 16.07 -16.06
N GLU A 378 20.00 16.35 -14.80
CA GLU A 378 20.74 17.36 -13.99
C GLU A 378 22.13 16.85 -13.61
N ILE A 379 22.31 15.52 -13.62
CA ILE A 379 23.60 14.90 -13.35
C ILE A 379 24.35 14.64 -14.65
N ASP A 380 25.61 15.06 -14.72
CA ASP A 380 26.42 14.89 -15.92
C ASP A 380 26.93 13.44 -16.08
N PRO A 381 26.91 12.87 -17.32
CA PRO A 381 27.28 11.45 -17.42
C PRO A 381 28.76 11.14 -17.11
N SER A 382 29.64 12.13 -17.24
CA SER A 382 31.07 11.98 -16.92
C SER A 382 31.32 11.86 -15.41
N ASP A 383 30.38 12.37 -14.62
CA ASP A 383 30.37 12.22 -13.19
C ASP A 383 29.79 10.86 -12.87
N ALA A 384 30.52 9.81 -13.25
CA ALA A 384 30.02 8.44 -13.21
C ALA A 384 29.60 8.02 -11.81
N GLN A 385 30.33 8.52 -10.80
CA GLN A 385 30.05 8.24 -9.39
C GLN A 385 28.59 8.51 -9.02
N HIS A 386 28.04 9.59 -9.58
CA HIS A 386 26.66 10.00 -9.36
C HIS A 386 25.71 9.58 -10.47
N PHE A 387 26.19 9.59 -11.71
CA PHE A 387 25.31 9.30 -12.84
C PHE A 387 24.82 7.85 -12.83
N LEU A 388 25.72 6.89 -12.62
CA LEU A 388 25.30 5.48 -12.76
C LEU A 388 24.28 5.02 -11.70
N PRO A 389 24.50 5.37 -10.43
CA PRO A 389 23.50 5.07 -9.42
C PRO A 389 22.16 5.74 -9.73
N ALA A 390 22.19 6.98 -10.20
CA ALA A 390 20.95 7.71 -10.51
C ALA A 390 20.23 7.05 -11.70
N ALA A 391 20.99 6.72 -12.74
CA ALA A 391 20.43 6.05 -13.92
C ALA A 391 19.86 4.67 -13.56
N ASN A 392 20.58 3.89 -12.76
CA ASN A 392 20.07 2.60 -12.32
C ASN A 392 18.79 2.74 -11.48
N ALA A 393 18.72 3.78 -10.63
CA ALA A 393 17.53 4.06 -9.80
C ALA A 393 16.32 4.35 -10.68
N VAL A 394 16.50 5.24 -11.64
CA VAL A 394 15.47 5.59 -12.58
C VAL A 394 15.00 4.34 -13.31
N GLN A 395 15.92 3.51 -13.76
CA GLN A 395 15.51 2.33 -14.49
C GLN A 395 14.70 1.39 -13.61
N LYS A 396 15.09 1.20 -12.37
CA LYS A 396 14.31 0.36 -11.45
C LYS A 396 12.89 0.93 -11.29
N LEU A 397 12.82 2.26 -11.19
CA LEU A 397 11.51 2.91 -11.00
C LEU A 397 10.57 2.82 -12.21
N ILE A 398 11.13 2.80 -13.42
CA ILE A 398 10.32 2.98 -14.62
C ILE A 398 10.35 1.80 -15.59
N SER A 399 11.33 0.91 -15.46
CA SER A 399 11.38 -0.24 -16.35
C SER A 399 10.17 -1.18 -16.20
N GLU A 400 9.65 -1.65 -17.33
CA GLU A 400 8.58 -2.65 -17.37
C GLU A 400 9.02 -3.92 -16.63
N ALA A 401 10.32 -4.21 -16.67
CA ALA A 401 10.89 -5.42 -16.06
C ALA A 401 11.12 -5.28 -14.56
N GLU A 402 10.99 -4.06 -14.06
CA GLU A 402 11.25 -3.73 -12.66
CA GLU A 402 11.23 -3.75 -12.67
C GLU A 402 9.93 -3.21 -12.09
N MET A 403 9.87 -1.95 -11.64
CA MET A 403 8.68 -1.45 -10.97
C MET A 403 7.73 -0.72 -11.90
N GLY A 404 8.17 -0.37 -13.10
CA GLY A 404 7.48 0.66 -13.86
C GLY A 404 6.07 0.37 -14.29
N GLU A 405 5.83 -0.89 -14.67
CA GLU A 405 4.50 -1.30 -15.10
C GLU A 405 3.65 -1.86 -13.97
N LEU A 406 4.26 -2.71 -13.13
CA LEU A 406 3.55 -3.36 -12.05
C LEU A 406 3.00 -2.33 -11.06
N PHE A 407 3.80 -1.32 -10.71
CA PHE A 407 3.34 -0.26 -9.82
C PHE A 407 2.48 0.73 -10.60
N LYS A 408 1.41 1.20 -9.97
CA LYS A 408 0.44 2.11 -10.54
C LYS A 408 0.30 3.30 -9.62
N VAL A 409 -0.14 4.42 -10.19
CA VAL A 409 -0.56 5.56 -9.39
C VAL A 409 -2.01 5.87 -9.71
N ILE A 410 -2.83 5.96 -8.66
CA ILE A 410 -4.22 6.45 -8.78
C ILE A 410 -4.35 7.71 -7.90
N ALA A 411 -5.09 8.71 -8.37
CA ALA A 411 -5.28 9.91 -7.61
C ALA A 411 -6.73 10.37 -7.69
N PHE A 412 -7.21 10.93 -6.59
CA PHE A 412 -8.52 11.52 -6.45
C PHE A 412 -8.38 12.99 -6.06
N SER A 413 -9.42 13.78 -6.30
CA SER A 413 -9.34 15.19 -6.03
C SER A 413 -10.69 15.81 -5.73
N ARG A 414 -10.61 16.95 -5.07
CA ARG A 414 -11.74 17.86 -4.91
C ARG A 414 -11.22 19.26 -5.10
N GLY A 415 -11.90 20.03 -5.93
CA GLY A 415 -11.47 21.38 -6.16
C GLY A 415 -10.32 21.56 -7.08
N ILE A 416 -10.01 20.53 -7.88
CA ILE A 416 -9.03 20.63 -8.93
C ILE A 416 -9.77 20.49 -10.27
N ASP A 417 -9.65 21.51 -11.12
CA ASP A 417 -10.30 21.55 -12.41
C ASP A 417 -9.16 21.37 -13.40
N GLY A 418 -9.36 20.59 -14.43
CA GLY A 418 -8.29 20.36 -15.35
C GLY A 418 -7.48 19.14 -14.91
N ALA A 419 -6.32 18.98 -15.54
CA ALA A 419 -5.51 17.75 -15.43
C ALA A 419 -4.19 18.10 -14.80
N LEU A 420 -3.55 17.15 -14.12
CA LEU A 420 -2.14 17.27 -13.77
C LEU A 420 -1.30 16.81 -14.93
N ASP A 421 -0.17 17.48 -15.11
CA ASP A 421 0.83 17.10 -16.12
C ASP A 421 1.20 15.62 -15.92
N ALA A 422 1.25 15.18 -14.67
CA ALA A 422 1.67 13.79 -14.42
C ALA A 422 0.77 12.73 -15.03
N PHE A 423 -0.48 13.07 -15.30
CA PHE A 423 -1.43 12.13 -15.88
C PHE A 423 -1.84 12.54 -17.31
N ALA A 424 -1.24 13.57 -17.88
CA ALA A 424 -1.76 14.15 -19.17
C ALA A 424 -1.40 13.36 -20.44
N ARG A 425 -0.45 12.46 -20.36
CA ARG A 425 -0.16 11.55 -21.48
C ARG A 425 -0.29 10.13 -20.95
N GLY A 426 -1.08 9.31 -21.65
CA GLY A 426 -1.10 7.88 -21.36
C GLY A 426 -1.96 7.52 -20.17
N ASP A 427 -2.91 8.39 -19.81
CA ASP A 427 -3.84 8.03 -18.70
C ASP A 427 -4.67 6.76 -19.05
N ARG A 428 -4.89 5.91 -18.05
CA ARG A 428 -5.54 4.62 -18.23
C ARG A 428 -6.91 4.50 -17.56
N SER A 429 -7.49 5.62 -17.14
CA SER A 429 -8.72 5.65 -16.33
C SER A 429 -9.84 4.90 -17.03
N HIS A 430 -9.84 4.92 -18.36
CA HIS A 430 -10.87 4.29 -19.15
C HIS A 430 -10.86 2.77 -19.08
N THR A 431 -9.75 2.18 -18.62
CA THR A 431 -9.62 0.75 -18.42
C THR A 431 -10.07 0.23 -17.03
N LEU A 432 -10.44 1.14 -16.14
CA LEU A 432 -10.83 0.77 -14.76
C LEU A 432 -12.22 0.12 -14.76
S SO4 B . 19.63 -15.01 5.81
O1 SO4 B . 19.69 -16.21 6.69
O2 SO4 B . 20.36 -15.24 4.54
O3 SO4 B . 18.20 -14.73 5.53
O4 SO4 B . 20.23 -13.80 6.47
S SO4 C . -2.64 9.79 -24.70
O1 SO4 C . -3.14 8.58 -24.00
O2 SO4 C . -2.45 9.44 -26.14
O3 SO4 C . -3.61 10.90 -24.53
O4 SO4 C . -1.32 10.21 -24.17
C1 EDO D . 10.54 4.54 -3.89
O1 EDO D . 10.04 3.41 -4.57
C2 EDO D . 9.37 5.19 -3.19
O2 EDO D . 8.93 4.41 -2.07
#